data_6RRA
#
_entry.id   6RRA
#
_cell.length_a   58.639
_cell.length_b   70.753
_cell.length_c   84.237
_cell.angle_alpha   90.00
_cell.angle_beta   90.00
_cell.angle_gamma   90.00
#
_symmetry.space_group_name_H-M   'P 21 21 21'
#
loop_
_entity.id
_entity.type
_entity.pdbx_description
1 polymer 'Ferredoxin--NADP reductase'
2 non-polymer 'FLAVIN-ADENINE DINUCLEOTIDE'
3 non-polymer 'NADP NICOTINAMIDE-ADENINE-DINUCLEOTIDE PHOSPHATE'
4 non-polymer 'SULFATE ION'
5 water water
#
_entity_poly.entity_id   1
_entity_poly.type   'polypeptide(L)'
_entity_poly.pdbx_seq_one_letter_code
;SSNFNQETVTDIHHWTDTLFSFRTTRDPGFRFQSGQFIMMGLEVNGKPLTRAYSIASSLYEDGLEFFSIKVPNGPLTSKL
QHLKKGDQIIVSKKPVGTLLYDNLKPGKHLWLLSTGTGLAPFLSIIRDLEVYERFEKVILVHGVRQVAELAYTDFISNEL
PQDEFLGEMVKNQLIYYPTVTREPYKTRGRLTDLIRSGQLFKDVGLPEFNHEDDRMMLCGSPEMLAETKQILEERGFTEG
SQSEPGEFVIEKAFVEK
;
_entity_poly.pdbx_strand_id   A
#
# COMPACT_ATOMS: atom_id res chain seq x y z
N SER A 1 10.48 19.82 -13.48
CA SER A 1 11.02 20.96 -14.24
C SER A 1 9.79 21.80 -14.73
N SER A 2 8.65 21.14 -14.93
CA SER A 2 7.93 20.95 -16.18
C SER A 2 7.44 19.43 -16.11
N ASN A 3 8.34 18.51 -15.77
CA ASN A 3 8.00 17.12 -15.37
C ASN A 3 7.63 16.97 -13.90
N PHE A 4 7.64 18.05 -13.11
CA PHE A 4 7.34 17.93 -11.69
C PHE A 4 6.47 19.05 -11.21
N ASN A 5 5.64 18.78 -10.22
CA ASN A 5 5.00 19.80 -9.38
C ASN A 5 5.83 19.95 -8.13
N GLN A 6 5.92 21.15 -7.59
CA GLN A 6 6.47 21.36 -6.29
C GLN A 6 5.37 21.33 -5.28
N GLU A 7 5.53 20.67 -4.15
CA GLU A 7 4.55 20.60 -3.10
C GLU A 7 5.11 20.93 -1.78
N THR A 8 4.38 21.37 -0.78
CA THR A 8 4.85 21.72 0.51
C THR A 8 4.45 20.70 1.53
N VAL A 9 5.35 20.28 2.44
CA VAL A 9 5.05 19.38 3.51
C VAL A 9 4.11 20.04 4.56
N THR A 10 3.00 19.42 4.82
CA THR A 10 2.07 19.94 5.81
C THR A 10 2.08 19.22 7.08
N ASP A 11 2.60 17.99 7.17
CA ASP A 11 2.66 17.23 8.39
C ASP A 11 3.63 16.06 8.24
N ILE A 12 4.19 15.58 9.30
CA ILE A 12 5.17 14.49 9.31
C ILE A 12 5.13 13.72 10.54
N HIS A 13 5.22 12.42 10.49
CA HIS A 13 5.20 11.55 11.66
C HIS A 13 6.17 10.45 11.49
N HIS A 14 7.08 10.20 12.44
CA HIS A 14 7.95 9.09 12.40
C HIS A 14 7.43 7.92 13.17
N TRP A 15 7.23 6.79 12.57
CA TRP A 15 6.78 5.60 13.20
C TRP A 15 7.94 4.92 13.96
N THR A 16 9.07 4.76 13.31
CA THR A 16 10.24 4.07 13.88
C THR A 16 11.42 4.73 13.29
N ASP A 17 12.60 4.21 13.73
CA ASP A 17 13.81 4.70 13.12
C ASP A 17 14.03 4.34 11.63
N THR A 18 13.17 3.52 11.06
CA THR A 18 13.31 3.15 9.63
C THR A 18 11.97 3.54 8.81
N LEU A 19 11.00 4.08 9.49
CA LEU A 19 9.65 4.31 8.83
C LEU A 19 9.12 5.66 9.25
N PHE A 20 8.61 6.45 8.26
CA PHE A 20 7.96 7.69 8.54
C PHE A 20 6.89 7.98 7.48
N SER A 21 5.97 8.84 7.74
CA SER A 21 4.97 9.30 6.82
C SER A 21 4.95 10.77 6.77
N PHE A 22 4.53 11.37 5.67
CA PHE A 22 4.34 12.80 5.58
C PHE A 22 3.19 13.09 4.63
N ARG A 23 2.59 14.21 4.83
CA ARG A 23 1.54 14.74 3.97
C ARG A 23 2.03 16.03 3.34
N THR A 24 1.53 16.32 2.11
CA THR A 24 1.87 17.50 1.39
C THR A 24 0.66 18.14 0.71
N THR A 25 0.87 19.34 0.17
CA THR A 25 -0.13 19.91 -0.70
C THR A 25 -0.25 19.06 -1.96
N ARG A 26 -1.26 19.41 -2.80
CA ARG A 26 -1.53 18.66 -4.02
C ARG A 26 -1.89 19.70 -5.08
N ASP A 27 -1.15 19.76 -6.14
CA ASP A 27 -1.35 20.66 -7.28
C ASP A 27 -2.81 20.37 -7.76
N PRO A 28 -3.58 21.43 -8.12
CA PRO A 28 -4.95 21.17 -8.63
C PRO A 28 -4.99 20.45 -9.88
N GLY A 29 -3.99 20.44 -10.70
CA GLY A 29 -3.93 19.68 -11.88
C GLY A 29 -3.73 18.18 -11.73
N PHE A 30 -3.20 17.76 -10.54
CA PHE A 30 -2.77 16.35 -10.38
C PHE A 30 -3.97 15.36 -10.24
N ARG A 31 -3.87 14.28 -10.98
CA ARG A 31 -4.87 13.25 -10.82
C ARG A 31 -4.16 11.86 -10.93
N PHE A 32 -4.81 10.93 -10.22
CA PHE A 32 -4.34 9.53 -10.16
C PHE A 32 -5.45 8.60 -9.78
N GLN A 33 -5.19 7.30 -10.00
CA GLN A 33 -6.06 6.20 -9.60
C GLN A 33 -5.52 5.51 -8.36
N SER A 34 -6.37 5.19 -7.42
CA SER A 34 -5.91 4.47 -6.18
C SER A 34 -5.07 3.31 -6.55
N GLY A 35 -3.89 3.17 -5.91
CA GLY A 35 -2.97 2.07 -6.18
C GLY A 35 -1.78 2.50 -7.00
N GLN A 36 -1.87 3.64 -7.75
CA GLN A 36 -0.78 4.03 -8.63
C GLN A 36 0.44 4.63 -7.86
N PHE A 37 1.57 4.74 -8.52
CA PHE A 37 2.82 5.33 -7.98
C PHE A 37 3.22 6.48 -8.86
N ILE A 38 4.09 7.36 -8.33
CA ILE A 38 4.63 8.48 -9.10
C ILE A 38 6.10 8.52 -8.74
N MET A 39 6.88 9.47 -9.26
CA MET A 39 8.27 9.72 -8.83
C MET A 39 8.26 10.89 -7.87
N MET A 40 8.82 10.72 -6.70
CA MET A 40 8.81 11.74 -5.66
C MET A 40 10.22 11.94 -5.18
N GLY A 41 10.54 13.16 -4.77
CA GLY A 41 11.80 13.42 -4.12
C GLY A 41 12.10 14.90 -3.96
N LEU A 42 13.39 15.23 -4.19
CA LEU A 42 13.86 16.56 -3.84
C LEU A 42 14.64 17.14 -4.98
N GLU A 43 14.58 18.47 -5.10
CA GLU A 43 15.53 19.18 -5.96
C GLU A 43 16.84 19.26 -5.22
N VAL A 44 17.90 18.70 -5.75
CA VAL A 44 19.18 18.64 -5.14
C VAL A 44 20.16 19.24 -6.15
N ASN A 45 20.88 20.30 -5.74
CA ASN A 45 21.83 20.92 -6.70
C ASN A 45 21.21 21.23 -8.07
N GLY A 46 19.98 21.73 -8.07
CA GLY A 46 19.18 22.09 -9.21
C GLY A 46 18.79 20.94 -10.12
N LYS A 47 18.90 19.71 -9.61
CA LYS A 47 18.59 18.50 -10.41
C LYS A 47 17.57 17.66 -9.61
N PRO A 48 16.67 16.96 -10.27
CA PRO A 48 15.71 16.17 -9.49
C PRO A 48 16.34 14.92 -9.00
N LEU A 49 16.16 14.57 -7.73
CA LEU A 49 16.59 13.30 -7.13
C LEU A 49 15.29 12.64 -6.71
N THR A 50 14.80 11.63 -7.42
CA THR A 50 13.45 11.15 -7.23
C THR A 50 13.48 9.63 -7.26
N ARG A 51 12.46 9.05 -6.63
CA ARG A 51 12.33 7.60 -6.58
C ARG A 51 10.84 7.28 -6.70
N ALA A 52 10.55 6.05 -7.14
CA ALA A 52 9.21 5.61 -7.22
C ALA A 52 8.58 5.55 -5.82
N TYR A 53 7.38 6.11 -5.72
CA TYR A 53 6.65 6.14 -4.47
C TYR A 53 5.17 5.90 -4.73
N SER A 54 4.55 5.01 -4.00
CA SER A 54 3.10 4.88 -4.06
C SER A 54 2.47 6.07 -3.46
N ILE A 55 1.29 6.47 -3.97
CA ILE A 55 0.50 7.57 -3.38
C ILE A 55 -0.40 6.95 -2.34
N ALA A 56 -0.20 7.33 -1.05
CA ALA A 56 -0.90 6.70 0.04
C ALA A 56 -2.20 7.36 0.44
N SER A 57 -2.36 8.59 -0.11
CA SER A 57 -3.61 9.39 0.17
C SER A 57 -4.79 8.87 -0.70
N SER A 58 -5.95 9.29 -0.22
CA SER A 58 -7.28 8.97 -0.93
C SER A 58 -7.37 9.77 -2.23
N LEU A 59 -7.99 9.21 -3.29
CA LEU A 59 -7.84 9.71 -4.68
C LEU A 59 -8.37 11.15 -4.93
N TYR A 60 -9.28 11.59 -4.10
CA TYR A 60 -9.83 12.99 -4.33
C TYR A 60 -9.52 13.85 -3.04
N GLU A 61 -8.59 13.45 -2.16
CA GLU A 61 -8.18 14.21 -1.06
C GLU A 61 -7.33 15.43 -1.62
N ASP A 62 -7.57 16.56 -0.93
CA ASP A 62 -6.84 17.84 -1.27
C ASP A 62 -5.50 17.81 -0.55
N GLY A 63 -4.67 16.91 -1.00
CA GLY A 63 -3.38 16.69 -0.32
C GLY A 63 -2.86 15.38 -0.85
N LEU A 64 -1.51 15.20 -0.67
CA LEU A 64 -0.87 13.90 -0.92
C LEU A 64 -0.25 13.32 0.37
N GLU A 65 -0.04 12.05 0.34
CA GLU A 65 0.58 11.35 1.52
C GLU A 65 1.49 10.32 1.01
N PHE A 66 2.66 10.17 1.71
CA PHE A 66 3.72 9.17 1.43
C PHE A 66 4.08 8.44 2.70
N PHE A 67 4.25 7.14 2.58
CA PHE A 67 4.69 6.25 3.63
C PHE A 67 6.06 5.74 3.23
N SER A 68 7.13 6.13 3.91
CA SER A 68 8.52 5.96 3.47
C SER A 68 9.42 5.23 4.38
N ILE A 69 10.27 4.44 3.74
CA ILE A 69 11.45 3.88 4.40
C ILE A 69 12.43 5.08 4.72
N LYS A 70 13.39 4.77 5.62
CA LYS A 70 14.58 5.51 5.82
C LYS A 70 15.78 4.61 5.73
N VAL A 71 16.53 4.76 4.66
CA VAL A 71 17.72 3.89 4.39
C VAL A 71 18.95 4.80 4.70
N PRO A 72 19.78 4.44 5.72
CA PRO A 72 20.78 5.47 6.20
C PRO A 72 21.77 6.10 5.15
N ASN A 73 22.10 5.31 4.21
CA ASN A 73 22.91 5.76 3.10
C ASN A 73 22.21 5.73 1.80
N GLY A 74 20.87 5.73 1.83
CA GLY A 74 20.12 5.86 0.65
C GLY A 74 20.13 7.23 0.02
N PRO A 75 20.40 7.37 -1.25
CA PRO A 75 20.59 8.74 -1.74
C PRO A 75 19.43 9.70 -1.44
N LEU A 76 18.18 9.20 -1.63
CA LEU A 76 17.01 10.08 -1.38
C LEU A 76 16.64 10.08 0.07
N THR A 77 16.47 8.92 0.70
CA THR A 77 15.84 8.89 2.04
C THR A 77 16.78 9.29 3.11
N SER A 78 18.09 9.26 2.84
CA SER A 78 19.05 9.82 3.83
C SER A 78 18.83 11.33 4.00
N LYS A 79 18.25 11.95 2.98
CA LYS A 79 17.89 13.39 2.98
C LYS A 79 16.43 13.54 3.43
N LEU A 80 15.52 12.80 2.85
CA LEU A 80 14.07 12.99 3.01
C LEU A 80 13.66 12.76 4.46
N GLN A 81 14.43 11.93 5.20
CA GLN A 81 14.13 11.72 6.61
C GLN A 81 14.18 12.97 7.47
N HIS A 82 14.91 13.99 6.99
CA HIS A 82 15.08 15.20 7.76
C HIS A 82 14.09 16.28 7.35
N LEU A 83 13.01 15.93 6.67
CA LEU A 83 11.97 16.88 6.32
C LEU A 83 11.36 17.54 7.55
N LYS A 84 10.88 18.75 7.32
CA LYS A 84 10.08 19.52 8.30
C LYS A 84 8.89 20.11 7.57
N LYS A 85 7.79 20.37 8.33
CA LYS A 85 6.67 21.11 7.80
C LYS A 85 7.17 22.37 7.13
N GLY A 86 6.68 22.70 5.96
CA GLY A 86 7.12 23.79 5.23
C GLY A 86 8.13 23.59 4.14
N ASP A 87 8.84 22.42 4.23
CA ASP A 87 9.79 22.12 3.21
C ASP A 87 9.18 21.75 1.89
N GLN A 88 9.89 21.92 0.81
CA GLN A 88 9.43 21.59 -0.53
C GLN A 88 9.92 20.24 -1.00
N ILE A 89 9.03 19.51 -1.62
CA ILE A 89 9.32 18.29 -2.38
C ILE A 89 8.92 18.45 -3.78
N ILE A 90 9.28 17.51 -4.68
CA ILE A 90 8.79 17.47 -6.04
C ILE A 90 8.10 16.12 -6.27
N VAL A 91 7.05 16.17 -7.11
CA VAL A 91 6.22 14.99 -7.41
C VAL A 91 5.97 15.04 -8.91
N SER A 92 6.22 13.91 -9.58
CA SER A 92 6.02 13.80 -11.09
C SER A 92 4.55 13.80 -11.37
N LYS A 93 4.23 13.89 -12.67
CA LYS A 93 2.87 14.20 -13.07
C LYS A 93 2.15 13.05 -13.74
N LYS A 94 2.79 11.94 -14.02
CA LYS A 94 2.27 10.81 -14.79
C LYS A 94 2.26 9.50 -13.95
N PRO A 95 1.18 9.34 -13.22
CA PRO A 95 1.10 8.08 -12.44
C PRO A 95 1.04 6.87 -13.25
N VAL A 96 1.61 5.80 -12.72
CA VAL A 96 1.61 4.48 -13.39
C VAL A 96 1.41 3.39 -12.33
N GLY A 97 1.41 2.17 -12.78
CA GLY A 97 1.36 1.01 -11.84
C GLY A 97 0.38 -0.06 -12.33
N THR A 98 0.58 -1.25 -11.75
CA THR A 98 -0.29 -2.41 -11.96
C THR A 98 -1.34 -2.64 -10.93
N LEU A 99 -1.35 -1.93 -9.79
CA LEU A 99 -2.30 -2.18 -8.71
C LEU A 99 -3.65 -1.52 -8.96
N LEU A 100 -4.30 -2.04 -9.99
CA LEU A 100 -5.55 -1.51 -10.53
C LEU A 100 -6.68 -2.51 -10.60
N TYR A 101 -7.86 -2.08 -10.15
CA TYR A 101 -9.04 -2.96 -10.15
C TYR A 101 -9.31 -3.59 -11.46
N ASP A 102 -9.20 -2.85 -12.56
CA ASP A 102 -9.56 -3.48 -13.86
C ASP A 102 -8.56 -4.42 -14.41
N ASN A 103 -7.42 -4.64 -13.75
CA ASN A 103 -6.51 -5.68 -14.14
C ASN A 103 -6.95 -7.06 -13.56
N LEU A 104 -8.05 -7.04 -12.81
CA LEU A 104 -8.56 -8.15 -12.11
C LEU A 104 -9.91 -8.46 -12.67
N LYS A 105 -10.15 -9.75 -12.88
CA LYS A 105 -11.55 -10.12 -13.14
C LYS A 105 -12.47 -9.78 -11.96
N PRO A 106 -13.72 -9.51 -12.17
CA PRO A 106 -14.71 -9.32 -11.11
C PRO A 106 -14.77 -10.49 -10.12
N GLY A 107 -14.98 -10.17 -8.86
CA GLY A 107 -14.94 -11.17 -7.77
C GLY A 107 -15.66 -10.74 -6.55
N LYS A 108 -15.47 -11.50 -5.47
CA LYS A 108 -16.12 -11.28 -4.21
C LYS A 108 -15.27 -10.68 -3.05
N HIS A 109 -14.05 -11.20 -3.03
CA HIS A 109 -13.04 -10.83 -1.99
C HIS A 109 -11.84 -10.32 -2.65
N LEU A 110 -11.38 -9.12 -2.12
CA LEU A 110 -10.03 -8.60 -2.56
C LEU A 110 -9.05 -8.67 -1.41
N TRP A 111 -8.05 -9.47 -1.59
CA TRP A 111 -7.00 -9.58 -0.56
C TRP A 111 -5.84 -8.68 -0.98
N LEU A 112 -5.56 -7.74 -0.07
CA LEU A 112 -4.41 -6.82 -0.24
C LEU A 112 -3.27 -7.36 0.62
N LEU A 113 -2.30 -7.95 0.04
CA LEU A 113 -1.24 -8.68 0.76
C LEU A 113 0.00 -7.88 0.70
N SER A 114 0.43 -7.33 1.91
CA SER A 114 1.54 -6.40 1.96
C SER A 114 2.56 -6.73 3.06
N THR A 115 3.77 -6.30 2.81
CA THR A 115 4.82 -6.30 3.83
C THR A 115 5.40 -4.91 3.86
N GLY A 116 5.87 -4.44 5.03
CA GLY A 116 6.62 -3.25 5.12
C GLY A 116 5.95 -2.01 4.58
N THR A 117 6.64 -1.27 3.77
CA THR A 117 6.09 -0.08 3.16
C THR A 117 5.13 -0.41 2.06
N GLY A 118 5.01 -1.69 1.65
CA GLY A 118 4.02 -2.10 0.69
C GLY A 118 2.62 -1.90 1.07
N LEU A 119 2.37 -1.51 2.37
CA LEU A 119 1.08 -0.99 2.76
C LEU A 119 0.70 0.28 2.00
N ALA A 120 1.65 1.04 1.57
CA ALA A 120 1.34 2.39 1.04
C ALA A 120 0.18 2.52 0.01
N PRO A 121 0.25 1.74 -1.10
CA PRO A 121 -0.89 1.92 -2.05
C PRO A 121 -2.11 1.48 -1.51
N PHE A 122 -2.12 0.55 -0.60
CA PHE A 122 -3.35 0.10 0.02
C PHE A 122 -3.99 1.08 0.96
N LEU A 123 -3.28 2.03 1.50
CA LEU A 123 -3.85 3.11 2.26
C LEU A 123 -4.73 3.98 1.36
N SER A 124 -4.35 4.03 0.09
CA SER A 124 -5.21 4.76 -0.91
C SER A 124 -6.38 3.89 -1.18
N ILE A 125 -6.20 2.65 -1.58
CA ILE A 125 -7.32 1.75 -1.99
C ILE A 125 -8.32 1.57 -0.91
N ILE A 126 -7.97 1.36 0.35
CA ILE A 126 -8.92 1.17 1.38
C ILE A 126 -9.73 2.46 1.73
N ARG A 127 -9.30 3.60 1.18
CA ARG A 127 -9.99 4.90 1.29
C ARG A 127 -10.74 5.24 0.00
N ASP A 128 -10.94 4.31 -0.89
CA ASP A 128 -11.59 4.53 -2.20
C ASP A 128 -12.99 3.92 -2.06
N LEU A 129 -14.08 4.72 -2.22
CA LEU A 129 -15.43 4.11 -2.26
C LEU A 129 -15.52 3.04 -3.26
N GLU A 130 -14.87 3.14 -4.38
CA GLU A 130 -14.97 2.15 -5.45
C GLU A 130 -14.65 0.74 -5.05
N VAL A 131 -13.67 0.57 -4.19
CA VAL A 131 -13.30 -0.79 -3.86
C VAL A 131 -14.44 -1.51 -3.15
N TYR A 132 -15.20 -0.83 -2.30
CA TYR A 132 -16.33 -1.36 -1.50
C TYR A 132 -17.54 -1.65 -2.37
N GLU A 133 -17.65 -0.92 -3.44
CA GLU A 133 -18.70 -1.24 -4.42
C GLU A 133 -18.30 -2.48 -5.27
N ARG A 134 -17.05 -2.77 -5.54
CA ARG A 134 -16.68 -3.84 -6.39
C ARG A 134 -16.56 -5.17 -5.63
N PHE A 135 -16.24 -5.08 -4.34
CA PHE A 135 -15.92 -6.29 -3.57
C PHE A 135 -16.66 -6.32 -2.29
N GLU A 136 -17.28 -7.46 -1.94
CA GLU A 136 -17.97 -7.58 -0.66
C GLU A 136 -17.08 -7.53 0.60
N LYS A 137 -15.86 -8.13 0.43
CA LYS A 137 -14.84 -7.99 1.50
C LYS A 137 -13.55 -7.60 0.88
N VAL A 138 -12.85 -6.73 1.68
CA VAL A 138 -11.48 -6.32 1.32
C VAL A 138 -10.67 -6.72 2.58
N ILE A 139 -9.64 -7.50 2.38
CA ILE A 139 -8.81 -8.05 3.44
C ILE A 139 -7.39 -7.50 3.30
N LEU A 140 -7.08 -6.63 4.27
CA LEU A 140 -5.75 -6.00 4.25
C LEU A 140 -4.80 -6.70 5.23
N VAL A 141 -3.86 -7.40 4.69
CA VAL A 141 -2.82 -8.09 5.50
C VAL A 141 -1.62 -7.17 5.45
N HIS A 142 -1.02 -6.88 6.64
CA HIS A 142 0.17 -6.08 6.72
C HIS A 142 1.18 -6.82 7.59
N GLY A 143 2.25 -7.32 7.02
CA GLY A 143 3.26 -8.07 7.78
C GLY A 143 4.50 -7.28 7.98
N VAL A 144 4.98 -7.24 9.27
CA VAL A 144 6.16 -6.52 9.68
C VAL A 144 6.96 -7.34 10.74
N ARG A 145 8.19 -6.91 10.97
CA ARG A 145 8.99 -7.52 12.02
C ARG A 145 8.61 -7.11 13.41
N GLN A 146 8.33 -5.85 13.65
CA GLN A 146 8.17 -5.24 15.03
C GLN A 146 6.78 -4.64 15.11
N VAL A 147 6.20 -4.63 16.29
CA VAL A 147 4.87 -4.09 16.45
C VAL A 147 4.82 -2.63 16.11
N ALA A 148 5.84 -1.85 16.42
CA ALA A 148 5.87 -0.41 16.11
C ALA A 148 5.96 -0.14 14.60
N GLU A 149 6.23 -1.15 13.81
CA GLU A 149 6.28 -1.01 12.33
C GLU A 149 4.87 -1.12 11.75
N LEU A 150 3.88 -1.47 12.54
CA LEU A 150 2.48 -1.47 12.05
C LEU A 150 1.96 0.00 11.90
N ALA A 151 2.55 0.71 10.99
CA ALA A 151 2.16 2.07 10.66
C ALA A 151 0.63 2.10 10.39
N TYR A 152 -0.04 3.15 10.89
CA TYR A 152 -1.43 3.33 10.63
C TYR A 152 -2.30 2.34 11.36
N THR A 153 -1.80 1.53 12.34
CA THR A 153 -2.64 0.51 12.89
C THR A 153 -3.84 1.09 13.74
N ASP A 154 -3.58 2.17 14.46
CA ASP A 154 -4.67 2.81 15.23
C ASP A 154 -5.58 3.51 14.25
N PHE A 155 -5.05 4.15 13.20
CA PHE A 155 -5.93 4.82 12.26
C PHE A 155 -6.82 3.83 11.65
N ILE A 156 -6.38 2.71 11.14
CA ILE A 156 -7.13 1.74 10.43
C ILE A 156 -8.19 1.08 11.34
N SER A 157 -7.78 0.72 12.53
CA SER A 157 -8.64 -0.03 13.45
C SER A 157 -9.69 0.85 14.12
N ASN A 158 -9.32 2.06 14.42
CA ASN A 158 -10.09 2.93 15.38
C ASN A 158 -10.69 4.15 14.69
N GLU A 159 -9.99 4.77 13.76
CA GLU A 159 -10.43 6.08 13.17
C GLU A 159 -11.12 5.86 11.92
N LEU A 160 -10.63 5.07 11.01
CA LEU A 160 -11.21 4.87 9.71
C LEU A 160 -12.66 4.34 9.78
N PRO A 161 -13.03 3.44 10.73
CA PRO A 161 -14.43 2.96 10.79
C PRO A 161 -15.39 4.08 11.21
N GLN A 162 -14.88 5.20 11.73
CA GLN A 162 -15.67 6.39 12.10
C GLN A 162 -15.77 7.41 10.98
N ASP A 163 -15.12 7.15 9.84
CA ASP A 163 -15.10 8.16 8.74
C ASP A 163 -16.56 8.43 8.29
N GLU A 164 -16.84 9.70 8.08
CA GLU A 164 -18.24 10.12 7.61
C GLU A 164 -18.66 9.32 6.40
N PHE A 165 -17.80 9.22 5.41
CA PHE A 165 -18.10 8.70 4.08
C PHE A 165 -17.79 7.24 3.89
N LEU A 166 -16.74 6.78 4.54
CA LEU A 166 -16.24 5.38 4.38
C LEU A 166 -16.58 4.48 5.60
N GLY A 167 -16.93 5.02 6.74
CA GLY A 167 -16.98 4.25 8.00
C GLY A 167 -17.84 3.01 7.99
N GLU A 168 -19.05 3.14 7.47
CA GLU A 168 -19.92 1.97 7.46
C GLU A 168 -19.45 0.92 6.49
N MET A 169 -18.93 1.31 5.34
CA MET A 169 -18.37 0.34 4.41
C MET A 169 -17.18 -0.36 5.08
N VAL A 170 -16.32 0.40 5.69
CA VAL A 170 -15.14 -0.19 6.38
C VAL A 170 -15.57 -1.15 7.54
N LYS A 171 -16.52 -0.72 8.40
CA LYS A 171 -16.99 -1.60 9.47
C LYS A 171 -17.48 -2.91 8.87
N ASN A 172 -18.25 -2.83 7.81
CA ASN A 172 -18.88 -4.01 7.23
C ASN A 172 -18.03 -4.89 6.29
N GLN A 173 -17.01 -4.30 5.63
CA GLN A 173 -16.38 -4.91 4.50
C GLN A 173 -14.83 -5.06 4.64
N LEU A 174 -14.23 -4.16 5.39
CA LEU A 174 -12.76 -4.23 5.56
C LEU A 174 -12.40 -5.14 6.72
N ILE A 175 -11.52 -6.09 6.40
CA ILE A 175 -10.93 -6.95 7.43
C ILE A 175 -9.41 -6.61 7.47
N TYR A 176 -9.05 -5.97 8.52
CA TYR A 176 -7.61 -5.63 8.80
C TYR A 176 -6.90 -6.68 9.60
N TYR A 177 -5.84 -7.20 9.00
CA TYR A 177 -5.10 -8.35 9.55
C TYR A 177 -3.57 -8.01 9.65
N PRO A 178 -3.19 -7.23 10.64
CA PRO A 178 -1.75 -7.01 10.94
C PRO A 178 -1.14 -8.28 11.48
N THR A 179 0.11 -8.53 11.09
CA THR A 179 0.83 -9.69 11.63
C THR A 179 2.27 -9.27 11.76
N VAL A 180 2.89 -9.88 12.84
CA VAL A 180 4.23 -9.52 13.27
C VAL A 180 5.11 -10.76 13.40
N THR A 181 6.35 -10.67 13.00
CA THR A 181 7.19 -11.86 13.08
C THR A 181 8.20 -11.90 14.20
N ARG A 182 8.70 -10.80 14.74
CA ARG A 182 9.90 -10.88 15.62
C ARG A 182 9.63 -10.28 17.01
N GLU A 183 8.37 -10.06 17.37
CA GLU A 183 7.99 -9.59 18.72
C GLU A 183 6.62 -10.21 19.03
N PRO A 184 6.31 -10.37 20.35
CA PRO A 184 5.07 -10.84 20.76
C PRO A 184 3.95 -9.91 20.32
N TYR A 185 2.97 -10.54 19.74
CA TYR A 185 1.77 -9.86 19.22
C TYR A 185 0.74 -10.92 19.04
N LYS A 186 -0.57 -10.54 19.05
CA LYS A 186 -1.67 -11.45 18.99
C LYS A 186 -1.75 -12.23 17.71
N THR A 187 -1.14 -11.73 16.63
CA THR A 187 -1.12 -12.37 15.33
C THR A 187 0.32 -12.42 14.86
N ARG A 188 0.85 -13.59 14.63
CA ARG A 188 2.24 -13.74 14.26
C ARG A 188 2.47 -14.55 13.02
N GLY A 189 3.52 -14.18 12.28
CA GLY A 189 3.91 -14.96 11.12
C GLY A 189 4.08 -14.16 9.84
N ARG A 190 4.62 -14.83 8.84
CA ARG A 190 4.67 -14.39 7.48
C ARG A 190 3.40 -14.76 6.78
N LEU A 191 2.94 -13.91 5.84
CA LEU A 191 1.70 -14.19 5.17
C LEU A 191 1.79 -15.42 4.26
N THR A 192 2.97 -15.74 3.78
CA THR A 192 3.25 -16.96 3.02
C THR A 192 2.91 -18.20 3.89
N ASP A 193 3.50 -18.22 5.07
CA ASP A 193 3.28 -19.36 6.03
C ASP A 193 1.82 -19.41 6.44
N LEU A 194 1.20 -18.25 6.68
CA LEU A 194 -0.22 -18.22 7.11
C LEU A 194 -1.21 -18.68 6.04
N ILE A 195 -0.86 -18.48 4.76
CA ILE A 195 -1.65 -19.04 3.68
C ILE A 195 -1.44 -20.57 3.60
N ARG A 196 -0.19 -21.00 3.65
CA ARG A 196 0.05 -22.47 3.49
C ARG A 196 -0.56 -23.25 4.63
N SER A 197 -0.52 -22.75 5.83
CA SER A 197 -1.12 -23.50 7.00
C SER A 197 -2.62 -23.41 7.01
N GLY A 198 -3.28 -22.46 6.31
CA GLY A 198 -4.73 -22.22 6.44
C GLY A 198 -5.08 -21.25 7.56
N GLN A 199 -4.10 -20.87 8.40
CA GLN A 199 -4.34 -19.99 9.54
C GLN A 199 -4.98 -18.65 9.09
N LEU A 200 -4.48 -18.10 7.97
CA LEU A 200 -5.08 -16.78 7.54
C LEU A 200 -6.57 -16.81 7.41
N PHE A 201 -7.05 -17.89 6.78
CA PHE A 201 -8.47 -18.03 6.47
C PHE A 201 -9.32 -18.24 7.71
N LYS A 202 -8.81 -19.08 8.59
CA LYS A 202 -9.48 -19.31 9.89
C LYS A 202 -9.54 -18.05 10.71
N ASP A 203 -8.46 -17.27 10.74
CA ASP A 203 -8.48 -16.08 11.59
C ASP A 203 -9.41 -14.96 11.04
N VAL A 204 -9.45 -14.82 9.73
CA VAL A 204 -10.34 -13.77 9.14
C VAL A 204 -11.74 -14.29 8.90
N GLY A 205 -11.97 -15.61 9.02
CA GLY A 205 -13.31 -16.10 8.90
C GLY A 205 -13.81 -16.21 7.51
N LEU A 206 -12.96 -16.32 6.56
CA LEU A 206 -13.35 -16.58 5.18
C LEU A 206 -12.79 -17.87 4.65
N PRO A 207 -13.42 -18.49 3.66
CA PRO A 207 -12.88 -19.69 3.08
C PRO A 207 -11.57 -19.52 2.36
N GLU A 208 -10.78 -20.58 2.23
CA GLU A 208 -9.58 -20.68 1.42
C GLU A 208 -9.85 -20.16 0.04
N PHE A 209 -8.83 -19.51 -0.56
CA PHE A 209 -8.94 -18.84 -1.85
C PHE A 209 -9.64 -19.84 -2.81
N ASN A 210 -10.62 -19.34 -3.55
CA ASN A 210 -11.14 -20.07 -4.68
C ASN A 210 -11.27 -19.19 -5.93
N HIS A 211 -11.20 -19.83 -7.10
CA HIS A 211 -11.09 -19.20 -8.39
C HIS A 211 -12.25 -18.29 -8.70
N GLU A 212 -13.43 -18.60 -8.24
CA GLU A 212 -14.60 -17.78 -8.49
C GLU A 212 -14.60 -16.49 -7.67
N ASP A 213 -14.22 -16.61 -6.39
CA ASP A 213 -14.46 -15.57 -5.42
C ASP A 213 -13.28 -14.58 -5.21
N ASP A 214 -12.11 -15.10 -5.28
CA ASP A 214 -10.96 -14.35 -4.65
C ASP A 214 -10.03 -13.77 -5.63
N ARG A 215 -9.63 -12.47 -5.34
CA ARG A 215 -8.71 -11.74 -6.10
C ARG A 215 -7.68 -11.10 -5.16
N MET A 216 -6.53 -10.82 -5.69
CA MET A 216 -5.39 -10.43 -4.83
C MET A 216 -4.63 -9.30 -5.50
N MET A 217 -4.16 -8.35 -4.61
CA MET A 217 -3.13 -7.41 -4.93
C MET A 217 -1.96 -7.62 -4.00
N LEU A 218 -0.79 -7.71 -4.52
CA LEU A 218 0.40 -7.99 -3.71
C LEU A 218 1.35 -6.83 -3.81
N CYS A 219 1.82 -6.35 -2.64
CA CYS A 219 2.80 -5.29 -2.66
C CYS A 219 3.72 -5.46 -1.49
N GLY A 220 4.98 -5.65 -1.73
CA GLY A 220 5.94 -5.96 -0.65
C GLY A 220 7.27 -6.30 -1.17
N SER A 221 8.08 -7.00 -0.40
CA SER A 221 9.42 -7.22 -0.78
C SER A 221 9.48 -8.15 -2.01
N PRO A 222 10.57 -8.02 -2.80
CA PRO A 222 10.79 -8.95 -3.97
C PRO A 222 10.62 -10.40 -3.48
N GLU A 223 11.18 -10.76 -2.33
CA GLU A 223 11.18 -12.15 -1.84
C GLU A 223 9.82 -12.58 -1.51
N MET A 224 9.03 -11.79 -0.78
CA MET A 224 7.68 -12.09 -0.54
C MET A 224 6.87 -12.29 -1.80
N LEU A 225 7.07 -11.38 -2.75
CA LEU A 225 6.25 -11.35 -3.91
C LEU A 225 6.60 -12.65 -4.81
N ALA A 226 7.85 -12.97 -4.90
CA ALA A 226 8.26 -14.21 -5.79
C ALA A 226 7.65 -15.44 -5.13
N GLU A 227 7.67 -15.48 -3.79
CA GLU A 227 7.18 -16.67 -3.12
C GLU A 227 5.72 -16.75 -3.15
N THR A 228 4.98 -15.65 -2.93
CA THR A 228 3.53 -15.57 -2.92
C THR A 228 2.96 -15.76 -4.34
N LYS A 229 3.64 -15.21 -5.38
CA LYS A 229 3.27 -15.49 -6.76
C LYS A 229 3.27 -17.03 -6.98
N GLN A 230 4.26 -17.71 -6.52
CA GLN A 230 4.34 -19.20 -6.74
C GLN A 230 3.19 -19.86 -5.98
N ILE A 231 2.89 -19.40 -4.78
CA ILE A 231 1.79 -19.98 -4.00
C ILE A 231 0.51 -19.84 -4.76
N LEU A 232 0.23 -18.65 -5.28
CA LEU A 232 -1.04 -18.43 -5.92
C LEU A 232 -1.16 -19.21 -7.26
N GLU A 233 -0.07 -19.25 -8.00
CA GLU A 233 -0.11 -19.95 -9.30
C GLU A 233 -0.25 -21.49 -9.06
N GLU A 234 0.40 -22.01 -8.04
CA GLU A 234 0.24 -23.49 -7.69
C GLU A 234 -1.23 -23.80 -7.37
N ARG A 235 -2.03 -22.84 -6.87
CA ARG A 235 -3.45 -22.89 -6.59
C ARG A 235 -4.33 -22.60 -7.78
N GLY A 236 -3.67 -22.37 -8.93
CA GLY A 236 -4.39 -22.11 -10.18
C GLY A 236 -4.79 -20.69 -10.49
N PHE A 237 -4.31 -19.73 -9.71
CA PHE A 237 -4.62 -18.31 -9.99
C PHE A 237 -3.66 -17.78 -11.01
N THR A 238 -4.14 -16.81 -11.81
CA THR A 238 -3.31 -16.23 -12.92
C THR A 238 -3.04 -14.71 -12.73
N GLU A 239 -1.87 -14.25 -13.12
CA GLU A 239 -1.57 -12.82 -13.04
C GLU A 239 -2.38 -12.03 -14.08
N GLY A 240 -3.02 -10.96 -13.65
CA GLY A 240 -3.71 -10.02 -14.49
C GLY A 240 -2.79 -9.01 -15.18
N SER A 241 -3.32 -8.44 -16.22
CA SER A 241 -2.75 -7.34 -16.92
C SER A 241 -3.91 -6.50 -17.45
N GLN A 242 -3.52 -5.35 -17.99
CA GLN A 242 -4.48 -4.50 -18.69
C GLN A 242 -5.10 -5.22 -19.91
N SER A 243 -4.33 -5.92 -20.72
CA SER A 243 -4.97 -6.62 -21.88
C SER A 243 -5.75 -7.88 -21.49
N GLU A 244 -5.42 -8.49 -20.35
CA GLU A 244 -6.06 -9.75 -19.94
C GLU A 244 -6.29 -9.78 -18.41
N PRO A 245 -7.50 -9.35 -17.94
CA PRO A 245 -7.78 -9.37 -16.49
C PRO A 245 -7.56 -10.77 -15.91
N GLY A 246 -6.86 -10.84 -14.77
CA GLY A 246 -6.64 -12.07 -14.07
C GLY A 246 -7.11 -12.03 -12.62
N GLU A 247 -6.46 -12.86 -11.79
CA GLU A 247 -6.89 -13.01 -10.39
C GLU A 247 -5.98 -12.24 -9.41
N PHE A 248 -4.75 -12.04 -9.82
CA PHE A 248 -3.87 -11.21 -8.94
C PHE A 248 -2.99 -10.31 -9.75
N VAL A 249 -2.54 -9.22 -9.09
CA VAL A 249 -1.55 -8.31 -9.65
C VAL A 249 -0.49 -8.01 -8.55
N ILE A 250 0.69 -7.67 -8.97
CA ILE A 250 1.91 -7.59 -8.16
C ILE A 250 2.67 -6.31 -8.42
N GLU A 251 3.12 -5.65 -7.36
CA GLU A 251 4.03 -4.53 -7.52
C GLU A 251 5.10 -4.64 -6.43
N LYS A 252 6.32 -4.50 -6.75
CA LYS A 252 7.43 -4.40 -5.81
C LYS A 252 7.28 -3.15 -4.93
N ALA A 253 7.42 -3.35 -3.62
CA ALA A 253 7.52 -2.22 -2.70
C ALA A 253 8.89 -1.61 -2.80
N PHE A 254 9.94 -2.26 -3.28
CA PHE A 254 11.25 -1.81 -3.43
C PHE A 254 12.01 -2.80 -4.32
N VAL A 255 13.18 -2.40 -4.83
CA VAL A 255 14.04 -3.32 -5.52
C VAL A 255 15.35 -3.42 -4.78
N GLU A 256 16.07 -4.57 -4.71
CA GLU A 256 17.43 -4.68 -4.26
C GLU A 256 18.28 -4.19 -5.34
N LYS A 257 18.78 -3.03 -5.06
CA LYS A 257 19.70 -2.42 -5.92
C LYS A 257 21.09 -2.95 -5.63
#